data_3KFV
#
_entry.id   3KFV
#
_cell.length_a   88.654
_cell.length_b   88.654
_cell.length_c   92.311
_cell.angle_alpha   90.000
_cell.angle_beta   90.000
_cell.angle_gamma   90.000
#
_symmetry.space_group_name_H-M   'P 4 2 2'
#
loop_
_entity.id
_entity.type
_entity.pdbx_description
1 polymer 'Tight junction protein ZO-3'
2 non-polymer 'UNKNOWN ATOM OR ION'
#
_entity_poly.entity_id   1
_entity_poly.type   'polypeptide(L)'
_entity_poly.pdbx_seq_one_letter_code
;(MSE)GDSFYIRTHFELEPSPPSGLGFTRGDVFHVLDTLHPGPGQSHARGGHWLAVR(MSE)GRDLREQERGIIPNQSRA
EQLASLEAAQRAVGVGPGSSAGSNARAEFWRLRGLRRGAKKTTQRSREDLSALTRQGRYPPYERVVLREASFKRPVVILG
PVADIA(MSE)QKLTAE(MSE)PDQFEIAETVSRTDSPSKIIKLDTVRVIAEKDKHALLDVTPSAIERLNYVQYYPIVVF
FIPESRPALKALRQWLAPASRRSTRRLYAQAQKLRKHSSHLFTATIPLNGTSDTWYQELKAIIREQQTRPIWTAEDQLHH
HHHH
;
_entity_poly.pdbx_strand_id   A
#
loop_
_chem_comp.id
_chem_comp.type
_chem_comp.name
_chem_comp.formula
UNX non-polymer 'UNKNOWN ATOM OR ION' ?
#
# COMPACT_ATOMS: atom_id res chain seq x y z
N ASP A 3 30.36 -2.86 -0.48
CA ASP A 3 29.33 -2.63 -1.50
C ASP A 3 28.16 -1.85 -0.92
N SER A 4 27.31 -1.29 -1.80
CA SER A 4 26.11 -0.58 -1.38
C SER A 4 24.98 -0.76 -2.39
N PHE A 5 23.77 -0.94 -1.86
CA PHE A 5 22.59 -1.20 -2.67
C PHE A 5 21.36 -1.23 -1.80
N TYR A 6 20.22 -1.52 -2.41
CA TYR A 6 18.96 -1.63 -1.69
C TYR A 6 18.52 -3.08 -1.67
N ILE A 7 17.94 -3.51 -0.56
CA ILE A 7 17.56 -4.90 -0.41
C ILE A 7 16.12 -5.00 0.09
N ARG A 8 15.40 -5.98 -0.42
CA ARG A 8 14.07 -6.29 0.09
C ARG A 8 14.09 -7.64 0.80
N THR A 9 13.51 -7.71 2.00
CA THR A 9 13.59 -8.90 2.83
C THR A 9 12.36 -9.81 2.65
N HIS A 10 12.59 -11.10 2.49
CA HIS A 10 11.51 -12.06 2.27
C HIS A 10 11.42 -13.14 3.34
N PHE A 11 11.84 -12.79 4.54
CA PHE A 11 11.61 -13.63 5.70
C PHE A 11 11.53 -12.74 6.94
N GLU A 12 11.03 -13.29 8.04
CA GLU A 12 10.87 -12.53 9.26
C GLU A 12 12.11 -12.62 10.17
N LEU A 13 12.41 -11.51 10.84
CA LEU A 13 13.52 -11.49 11.79
C LEU A 13 13.19 -10.55 12.94
N GLU A 14 13.46 -11.01 14.16
CA GLU A 14 13.21 -10.20 15.35
C GLU A 14 14.35 -9.22 15.60
N PRO A 15 14.03 -8.05 16.18
CA PRO A 15 15.05 -7.06 16.54
C PRO A 15 16.10 -7.70 17.44
N SER A 16 17.24 -7.05 17.58
CA SER A 16 18.32 -7.59 18.39
C SER A 16 19.20 -6.46 18.92
N PRO A 17 19.33 -6.38 20.25
CA PRO A 17 20.10 -5.32 20.91
C PRO A 17 21.59 -5.44 20.66
N PRO A 18 22.27 -4.29 20.45
CA PRO A 18 21.61 -2.99 20.35
C PRO A 18 21.36 -2.57 18.90
N SER A 19 22.22 -3.04 17.99
CA SER A 19 22.23 -2.56 16.62
C SER A 19 21.33 -3.36 15.67
N GLY A 20 21.30 -4.68 15.84
CA GLY A 20 20.51 -5.56 15.00
C GLY A 20 19.09 -5.09 14.71
N LEU A 21 18.74 -5.01 13.43
CA LEU A 21 17.42 -4.55 13.02
C LEU A 21 16.48 -5.71 12.74
N GLY A 22 15.21 -5.54 13.09
CA GLY A 22 14.20 -6.53 12.79
C GLY A 22 13.50 -6.20 11.49
N PHE A 23 13.01 -7.21 10.80
CA PHE A 23 12.28 -6.96 9.56
C PHE A 23 11.20 -7.98 9.24
N THR A 24 10.39 -7.62 8.25
CA THR A 24 9.25 -8.42 7.84
C THR A 24 9.25 -8.55 6.33
N ARG A 25 8.71 -9.64 5.80
CA ARG A 25 8.50 -9.74 4.37
C ARG A 25 8.07 -8.40 3.77
N GLY A 26 8.90 -7.84 2.90
CA GLY A 26 8.54 -6.63 2.17
C GLY A 26 9.32 -5.39 2.58
N ASP A 27 9.92 -5.42 3.77
CA ASP A 27 10.73 -4.30 4.22
C ASP A 27 11.91 -4.08 3.29
N VAL A 28 12.37 -2.83 3.19
CA VAL A 28 13.46 -2.49 2.29
C VAL A 28 14.58 -1.82 3.07
N PHE A 29 15.81 -2.18 2.74
CA PHE A 29 16.96 -1.61 3.44
C PHE A 29 17.98 -1.02 2.48
N HIS A 30 18.37 0.21 2.77
CA HIS A 30 19.52 0.79 2.10
C HIS A 30 20.75 0.29 2.81
N VAL A 31 21.37 -0.77 2.26
CA VAL A 31 22.59 -1.34 2.83
C VAL A 31 23.77 -0.42 2.55
N LEU A 32 24.24 0.27 3.58
CA LEU A 32 25.28 1.28 3.42
C LEU A 32 26.64 0.67 3.10
N ASP A 33 27.00 -0.40 3.80
CA ASP A 33 28.27 -1.07 3.55
C ASP A 33 28.21 -2.55 3.88
N THR A 34 29.03 -3.34 3.19
CA THR A 34 29.10 -4.78 3.42
C THR A 34 30.46 -5.19 3.96
N HIS A 48 25.98 -8.14 9.96
CA HIS A 48 27.23 -8.15 9.21
C HIS A 48 27.19 -7.16 8.04
N TRP A 49 26.01 -6.68 7.69
CA TRP A 49 25.88 -5.52 6.80
C TRP A 49 25.40 -4.33 7.60
N LEU A 50 25.95 -3.14 7.30
CA LEU A 50 25.42 -1.92 7.90
C LEU A 50 24.29 -1.41 7.02
N ALA A 51 23.09 -1.34 7.56
CA ALA A 51 21.92 -0.98 6.76
C ALA A 51 21.03 0.05 7.44
N VAL A 52 20.13 0.66 6.65
CA VAL A 52 19.18 1.63 7.16
C VAL A 52 17.79 1.31 6.62
N ARG A 53 16.77 1.36 7.47
CA ARG A 53 15.43 1.04 7.02
C ARG A 53 14.83 2.16 6.17
N MSE A 54 13.98 1.78 5.22
CA MSE A 54 13.34 2.73 4.33
C MSE A 54 11.84 2.71 4.56
O MSE A 54 11.20 1.67 4.41
CB MSE A 54 13.66 2.35 2.89
CG MSE A 54 15.15 2.34 2.56
SE MSE A 54 15.91 4.12 2.28
CE MSE A 54 14.81 4.72 0.77
N GLY A 55 11.29 3.85 4.95
CA GLY A 55 9.86 3.95 5.19
C GLY A 55 9.11 4.27 3.92
N ARG A 56 7.79 4.28 3.98
CA ARG A 56 6.95 4.67 2.84
C ARG A 56 7.34 6.06 2.32
N ASP A 57 7.99 6.83 3.19
CA ASP A 57 8.50 8.15 2.84
C ASP A 57 9.65 8.05 1.82
N LEU A 58 10.28 6.89 1.75
CA LEU A 58 11.54 6.70 1.03
C LEU A 58 12.66 7.45 1.73
N ARG A 59 12.39 7.86 2.97
CA ARG A 59 13.39 8.53 3.79
C ARG A 59 14.00 7.56 4.80
N GLU A 60 15.33 7.62 4.93
CA GLU A 60 16.05 6.73 5.85
C GLU A 60 15.53 6.85 7.28
N GLN A 61 15.39 5.71 7.94
CA GLN A 61 14.91 5.67 9.31
C GLN A 61 15.95 5.04 10.24
N GLU A 62 15.54 4.01 11.00
CA GLU A 62 16.44 3.38 11.97
C GLU A 62 17.71 2.82 11.32
N ARG A 63 18.87 3.23 11.82
CA ARG A 63 20.14 2.71 11.36
C ARG A 63 20.54 1.51 12.23
N GLY A 64 21.25 0.55 11.65
CA GLY A 64 21.65 -0.63 12.40
C GLY A 64 22.31 -1.74 11.60
N ILE A 65 22.28 -2.94 12.15
CA ILE A 65 22.93 -4.10 11.55
C ILE A 65 21.91 -5.10 11.02
N ILE A 66 22.24 -5.77 9.92
CA ILE A 66 21.42 -6.86 9.39
C ILE A 66 22.30 -7.99 8.87
N PRO A 67 21.77 -9.23 8.88
CA PRO A 67 22.52 -10.42 8.44
C PRO A 67 22.99 -10.28 7.00
N ASN A 68 24.15 -10.88 6.70
CA ASN A 68 24.64 -10.88 5.33
C ASN A 68 23.89 -11.92 4.51
N GLN A 69 24.18 -11.98 3.22
CA GLN A 69 23.44 -12.82 2.30
C GLN A 69 23.42 -14.27 2.76
N SER A 70 24.57 -14.73 3.23
CA SER A 70 24.76 -16.11 3.60
C SER A 70 23.98 -16.47 4.87
N ARG A 71 24.15 -15.67 5.91
CA ARG A 71 23.42 -15.88 7.15
C ARG A 71 21.92 -15.71 6.89
N ALA A 72 21.58 -14.81 5.97
CA ALA A 72 20.19 -14.56 5.63
C ALA A 72 19.53 -15.78 5.01
N GLU A 73 20.28 -16.46 4.14
CA GLU A 73 19.75 -17.63 3.45
C GLU A 73 19.47 -18.75 4.46
N GLN A 74 20.36 -18.89 5.44
CA GLN A 74 20.20 -19.89 6.48
C GLN A 74 19.00 -19.59 7.37
N LEU A 75 18.88 -18.33 7.77
CA LEU A 75 17.74 -17.90 8.58
C LEU A 75 16.41 -18.13 7.87
N ALA A 76 16.43 -18.09 6.54
CA ALA A 76 15.21 -18.33 5.77
C ALA A 76 14.91 -19.82 5.64
N SER A 77 15.91 -20.62 5.30
CA SER A 77 15.74 -22.08 5.26
C SER A 77 15.21 -22.55 6.60
N LEU A 78 15.78 -21.99 7.66
CA LEU A 78 15.35 -22.29 9.01
C LEU A 78 13.86 -22.01 9.19
N GLU A 79 13.45 -20.79 8.86
CA GLU A 79 12.06 -20.37 9.05
C GLU A 79 11.11 -21.21 8.22
N ALA A 80 11.60 -21.77 7.12
CA ALA A 80 10.79 -22.65 6.30
C ALA A 80 10.53 -23.93 7.07
N ALA A 81 11.61 -24.55 7.55
CA ALA A 81 11.51 -25.79 8.32
C ALA A 81 10.66 -25.61 9.56
N GLN A 82 10.71 -24.43 10.17
CA GLN A 82 9.87 -24.14 11.32
C GLN A 82 8.41 -24.34 10.96
N ARG A 83 8.08 -24.09 9.69
CA ARG A 83 6.75 -24.41 9.18
C ARG A 83 6.63 -25.91 8.88
N ALA A 84 6.15 -26.64 9.90
CA ALA A 84 5.94 -28.08 9.83
C ALA A 84 5.96 -28.65 11.25
N GLU A 120 -0.81 -10.10 8.97
CA GLU A 120 -1.02 -10.62 7.62
C GLU A 120 0.17 -11.45 7.14
N ASP A 121 0.03 -12.77 7.16
CA ASP A 121 1.10 -13.67 6.73
C ASP A 121 1.22 -13.79 5.20
N LEU A 122 2.37 -13.37 4.68
CA LEU A 122 2.59 -13.27 3.24
C LEU A 122 3.40 -14.43 2.67
N SER A 123 3.66 -15.45 3.50
CA SER A 123 4.56 -16.54 3.13
C SER A 123 4.13 -17.30 1.87
N ALA A 124 2.84 -17.42 1.63
CA ALA A 124 2.36 -18.12 0.45
C ALA A 124 2.74 -17.39 -0.83
N LEU A 125 2.77 -16.05 -0.74
CA LEU A 125 3.16 -15.25 -1.89
C LEU A 125 4.67 -15.33 -2.14
N THR A 126 5.48 -15.40 -1.09
CA THR A 126 6.93 -15.54 -1.27
C THR A 126 7.25 -16.80 -2.04
N ARG A 127 6.47 -17.86 -1.80
CA ARG A 127 6.66 -19.10 -2.52
C ARG A 127 6.14 -18.95 -3.94
N GLN A 128 4.87 -18.57 -4.07
CA GLN A 128 4.27 -18.40 -5.39
C GLN A 128 5.03 -17.40 -6.25
N GLY A 129 5.76 -16.49 -5.60
CA GLY A 129 6.55 -15.49 -6.29
C GLY A 129 8.00 -15.92 -6.53
N ARG A 130 8.43 -16.94 -5.80
CA ARG A 130 9.81 -17.43 -5.89
C ARG A 130 10.84 -16.38 -5.49
N TYR A 131 10.46 -15.49 -4.57
CA TYR A 131 11.41 -14.50 -4.06
C TYR A 131 12.50 -15.15 -3.21
N PRO A 132 13.73 -14.64 -3.31
CA PRO A 132 14.83 -15.10 -2.45
C PRO A 132 14.79 -14.36 -1.13
N PRO A 133 15.47 -14.91 -0.09
CA PRO A 133 15.53 -14.24 1.21
C PRO A 133 15.89 -12.76 1.06
N TYR A 134 16.88 -12.46 0.25
CA TYR A 134 17.24 -11.07 -0.05
C TYR A 134 17.03 -10.81 -1.54
N GLU A 135 16.35 -9.72 -1.85
CA GLU A 135 16.10 -9.34 -3.24
C GLU A 135 16.65 -7.95 -3.45
N ARG A 136 17.69 -7.83 -4.26
CA ARG A 136 18.20 -6.50 -4.60
C ARG A 136 17.16 -5.75 -5.42
N VAL A 137 16.84 -4.52 -4.99
CA VAL A 137 15.84 -3.70 -5.66
C VAL A 137 16.40 -2.33 -6.03
N VAL A 138 15.79 -1.70 -7.04
CA VAL A 138 16.13 -0.34 -7.43
C VAL A 138 14.84 0.47 -7.56
N LEU A 139 14.97 1.80 -7.60
CA LEU A 139 13.82 2.68 -7.78
C LEU A 139 13.58 3.06 -9.24
N ARG A 140 12.36 2.87 -9.71
CA ARG A 140 11.98 3.31 -11.05
C ARG A 140 10.54 3.83 -11.03
N GLU A 141 10.21 4.68 -11.99
CA GLU A 141 8.85 5.11 -12.19
C GLU A 141 8.09 3.90 -12.74
N ALA A 142 6.86 3.70 -12.27
CA ALA A 142 6.08 2.56 -12.70
C ALA A 142 5.90 2.58 -14.22
N SER A 143 6.07 1.43 -14.85
CA SER A 143 5.85 1.32 -16.28
C SER A 143 4.44 0.80 -16.50
N PHE A 144 3.58 1.10 -15.55
CA PHE A 144 2.17 0.74 -15.64
C PHE A 144 1.37 1.70 -14.75
N LYS A 145 0.08 1.80 -14.99
CA LYS A 145 -0.76 2.64 -14.15
C LYS A 145 -1.08 1.92 -12.84
N ARG A 146 -0.66 2.54 -11.74
CA ARG A 146 -0.73 1.91 -10.42
C ARG A 146 -2.16 1.80 -9.91
N PRO A 147 -2.50 0.66 -9.30
CA PRO A 147 -3.85 0.56 -8.72
C PRO A 147 -4.06 1.65 -7.68
N VAL A 148 -5.29 2.09 -7.50
CA VAL A 148 -5.56 3.15 -6.54
C VAL A 148 -6.55 2.65 -5.50
N VAL A 149 -6.15 2.69 -4.24
CA VAL A 149 -7.01 2.25 -3.16
C VAL A 149 -7.61 3.45 -2.42
N ILE A 150 -8.94 3.55 -2.43
CA ILE A 150 -9.59 4.64 -1.74
C ILE A 150 -10.16 4.13 -0.42
N LEU A 151 -9.63 4.65 0.69
CA LEU A 151 -10.09 4.28 2.02
C LEU A 151 -10.77 5.47 2.66
N GLY A 152 -11.71 5.21 3.56
CA GLY A 152 -12.50 6.27 4.13
C GLY A 152 -13.96 6.15 3.75
N PRO A 153 -14.79 7.08 4.23
CA PRO A 153 -16.24 6.97 4.10
C PRO A 153 -16.79 7.47 2.78
N VAL A 154 -15.96 7.58 1.74
CA VAL A 154 -16.44 8.03 0.44
C VAL A 154 -15.83 7.26 -0.71
N ALA A 155 -15.27 6.10 -0.40
CA ALA A 155 -14.68 5.25 -1.42
C ALA A 155 -15.66 5.07 -2.59
N ASP A 156 -16.91 4.76 -2.25
CA ASP A 156 -17.92 4.53 -3.28
C ASP A 156 -18.16 5.77 -4.13
N ILE A 157 -18.38 6.91 -3.47
CA ILE A 157 -18.59 8.17 -4.17
C ILE A 157 -17.39 8.55 -5.03
N ALA A 158 -16.20 8.48 -4.43
CA ALA A 158 -14.96 8.80 -5.14
C ALA A 158 -14.77 7.95 -6.39
N MSE A 159 -14.99 6.65 -6.26
CA MSE A 159 -14.78 5.73 -7.38
C MSE A 159 -15.79 5.90 -8.51
O MSE A 159 -15.44 5.70 -9.69
CB MSE A 159 -14.79 4.27 -6.88
CG MSE A 159 -13.59 3.91 -6.01
SE MSE A 159 -13.77 2.13 -5.18
CE MSE A 159 -13.47 1.04 -6.76
N GLN A 160 -17.02 6.26 -8.18
CA GLN A 160 -18.05 6.46 -9.20
C GLN A 160 -17.74 7.72 -10.00
N LYS A 161 -17.39 8.79 -9.29
CA LYS A 161 -17.09 10.07 -9.93
C LYS A 161 -15.88 9.97 -10.86
N LEU A 162 -14.89 9.18 -10.47
CA LEU A 162 -13.68 9.01 -11.26
C LEU A 162 -13.93 8.32 -12.59
N THR A 163 -14.63 7.20 -12.54
CA THR A 163 -14.92 6.45 -13.76
C THR A 163 -15.95 7.14 -14.63
N ALA A 164 -16.84 7.89 -13.99
CA ALA A 164 -17.90 8.60 -14.71
C ALA A 164 -17.30 9.77 -15.47
N GLU A 165 -16.28 10.37 -14.89
CA GLU A 165 -15.65 11.56 -15.47
C GLU A 165 -14.57 11.16 -16.47
N MSE A 166 -13.97 10.00 -16.25
CA MSE A 166 -12.80 9.58 -17.02
C MSE A 166 -12.75 8.07 -17.23
O MSE A 166 -11.85 7.40 -16.73
CB MSE A 166 -11.52 10.05 -16.33
CG MSE A 166 -11.40 11.55 -16.19
SE MSE A 166 -10.01 12.12 -14.92
CE MSE A 166 -10.82 11.52 -13.25
N PRO A 167 -13.70 7.53 -18.02
CA PRO A 167 -13.84 6.10 -18.28
C PRO A 167 -12.58 5.52 -18.91
N ASP A 168 -11.73 6.37 -19.47
CA ASP A 168 -10.58 5.90 -20.25
C ASP A 168 -9.34 5.73 -19.38
N GLN A 169 -9.43 6.16 -18.12
CA GLN A 169 -8.28 6.14 -17.23
C GLN A 169 -8.57 5.41 -15.93
N PHE A 170 -9.82 5.03 -15.74
CA PHE A 170 -10.26 4.41 -14.50
C PHE A 170 -11.29 3.33 -14.75
N GLU A 171 -11.17 2.23 -14.02
CA GLU A 171 -12.20 1.22 -13.98
C GLU A 171 -12.26 0.67 -12.57
N ILE A 172 -13.46 0.47 -12.05
CA ILE A 172 -13.60 -0.15 -10.74
C ILE A 172 -13.30 -1.64 -10.82
N ALA A 173 -12.39 -2.10 -9.96
CA ALA A 173 -12.07 -3.53 -9.88
C ALA A 173 -13.26 -4.25 -9.24
N GLU A 174 -13.79 -5.25 -9.95
CA GLU A 174 -14.98 -5.97 -9.48
C GLU A 174 -14.68 -7.03 -8.41
N THR A 175 -15.26 -6.87 -7.22
CA THR A 175 -15.07 -7.82 -6.12
C THR A 175 -16.38 -8.50 -5.68
N VAL A 176 -16.27 -9.75 -5.23
CA VAL A 176 -17.44 -10.55 -4.87
C VAL A 176 -17.61 -10.69 -3.35
N ILE A 185 -13.58 -10.72 -1.14
CA ILE A 185 -12.80 -11.49 -2.11
C ILE A 185 -12.38 -10.65 -3.31
N ILE A 186 -11.06 -10.46 -3.45
CA ILE A 186 -10.48 -9.73 -4.56
C ILE A 186 -9.35 -10.57 -5.15
N LYS A 187 -9.29 -10.62 -6.48
CA LYS A 187 -8.24 -11.38 -7.16
C LYS A 187 -7.27 -10.47 -7.87
N LEU A 188 -5.99 -10.77 -7.73
CA LEU A 188 -4.94 -10.05 -8.43
C LEU A 188 -5.17 -9.94 -9.95
N ASP A 189 -5.61 -11.02 -10.58
CA ASP A 189 -5.83 -11.00 -12.03
C ASP A 189 -6.81 -9.92 -12.42
N THR A 190 -7.77 -9.64 -11.55
CA THR A 190 -8.74 -8.60 -11.84
C THR A 190 -8.00 -7.28 -12.04
N VAL A 191 -7.09 -6.99 -11.12
CA VAL A 191 -6.31 -5.76 -11.15
C VAL A 191 -5.38 -5.75 -12.36
N ARG A 192 -4.70 -6.86 -12.59
CA ARG A 192 -3.81 -7.00 -13.74
C ARG A 192 -4.52 -6.72 -15.08
N VAL A 193 -5.70 -7.29 -15.25
CA VAL A 193 -6.45 -7.10 -16.49
C VAL A 193 -6.75 -5.63 -16.75
N ILE A 194 -7.08 -4.89 -15.68
CA ILE A 194 -7.40 -3.47 -15.79
C ILE A 194 -6.17 -2.61 -16.08
N ALA A 195 -5.06 -2.95 -15.45
CA ALA A 195 -3.81 -2.23 -15.71
C ALA A 195 -3.31 -2.46 -17.14
N GLU A 196 -3.72 -3.57 -17.74
CA GLU A 196 -3.34 -3.91 -19.10
C GLU A 196 -4.06 -3.01 -20.11
N LYS A 197 -5.27 -2.58 -19.77
CA LYS A 197 -6.03 -1.61 -20.57
C LYS A 197 -5.47 -0.21 -20.36
N ASP A 198 -4.33 -0.11 -19.69
CA ASP A 198 -3.71 1.18 -19.39
C ASP A 198 -4.62 2.08 -18.56
N LYS A 199 -5.29 1.51 -17.57
CA LYS A 199 -6.13 2.30 -16.67
C LYS A 199 -5.77 2.04 -15.20
N HIS A 200 -6.07 3.00 -14.35
CA HIS A 200 -5.95 2.79 -12.90
C HIS A 200 -7.09 1.91 -12.44
N ALA A 201 -6.76 0.80 -11.78
CA ALA A 201 -7.76 -0.04 -11.16
C ALA A 201 -8.12 0.58 -9.80
N LEU A 202 -9.40 0.91 -9.63
CA LEU A 202 -9.86 1.50 -8.38
C LEU A 202 -10.29 0.40 -7.42
N LEU A 203 -9.75 0.44 -6.20
CA LEU A 203 -9.98 -0.63 -5.22
C LEU A 203 -10.59 -0.14 -3.91
N ASP A 204 -11.58 -0.86 -3.43
CA ASP A 204 -12.15 -0.64 -2.11
C ASP A 204 -11.86 -1.90 -1.32
N VAL A 205 -10.78 -1.88 -0.54
CA VAL A 205 -10.28 -3.10 0.08
C VAL A 205 -9.77 -2.90 1.49
N THR A 206 -9.39 -4.01 2.11
CA THR A 206 -8.91 -4.00 3.48
C THR A 206 -7.42 -3.70 3.54
N PRO A 207 -6.92 -3.34 4.73
CA PRO A 207 -5.48 -3.20 4.95
C PRO A 207 -4.72 -4.45 4.52
N SER A 208 -5.29 -5.62 4.77
CA SER A 208 -4.66 -6.88 4.39
C SER A 208 -4.45 -6.96 2.89
N ALA A 209 -5.51 -6.68 2.13
CA ALA A 209 -5.41 -6.60 0.68
C ALA A 209 -4.27 -5.68 0.23
N ILE A 210 -4.16 -4.53 0.90
CA ILE A 210 -3.13 -3.55 0.57
C ILE A 210 -1.72 -4.08 0.77
N GLU A 211 -1.50 -4.83 1.84
CA GLU A 211 -0.18 -5.41 2.12
C GLU A 211 0.24 -6.43 1.05
N ARG A 212 -0.72 -7.19 0.56
CA ARG A 212 -0.46 -8.14 -0.51
C ARG A 212 -0.05 -7.43 -1.79
N LEU A 213 -0.77 -6.37 -2.15
CA LEU A 213 -0.46 -5.62 -3.37
C LEU A 213 0.90 -4.94 -3.26
N ASN A 214 1.18 -4.39 -2.08
CA ASN A 214 2.51 -3.84 -1.83
C ASN A 214 3.57 -4.93 -2.01
N TYR A 215 3.25 -6.14 -1.58
CA TYR A 215 4.22 -7.23 -1.59
C TYR A 215 4.58 -7.69 -2.99
N VAL A 216 3.57 -7.85 -3.85
CA VAL A 216 3.81 -8.23 -5.23
C VAL A 216 4.20 -7.02 -6.07
N GLN A 217 4.35 -5.87 -5.42
CA GLN A 217 4.93 -4.69 -6.05
C GLN A 217 4.03 -4.00 -7.09
N TYR A 218 2.72 -4.11 -6.86
CA TYR A 218 1.75 -3.32 -7.58
C TYR A 218 1.65 -1.94 -6.93
N TYR A 219 2.12 -1.87 -5.69
CA TYR A 219 2.20 -0.63 -4.92
C TYR A 219 1.09 0.36 -5.20
N PRO A 220 -0.11 0.07 -4.68
CA PRO A 220 -1.27 0.93 -4.95
C PRO A 220 -0.96 2.33 -4.47
N ILE A 221 -1.66 3.32 -5.00
CA ILE A 221 -1.72 4.62 -4.36
C ILE A 221 -2.85 4.53 -3.35
N VAL A 222 -2.54 4.74 -2.07
CA VAL A 222 -3.55 4.58 -1.03
C VAL A 222 -3.97 5.92 -0.43
N VAL A 223 -5.24 6.28 -0.60
CA VAL A 223 -5.74 7.57 -0.15
C VAL A 223 -6.82 7.43 0.89
N PHE A 224 -6.62 8.04 2.05
CA PHE A 224 -7.58 7.97 3.15
C PHE A 224 -8.25 9.32 3.38
N PHE A 225 -9.57 9.30 3.47
CA PHE A 225 -10.35 10.52 3.66
C PHE A 225 -10.80 10.69 5.10
N ILE A 226 -10.45 11.81 5.71
CA ILE A 226 -10.76 12.06 7.12
C ILE A 226 -12.01 12.88 7.28
N PRO A 227 -13.03 12.31 7.95
CA PRO A 227 -14.31 12.99 8.21
C PRO A 227 -14.21 13.95 9.38
N GLU A 228 -14.78 15.15 9.23
CA GLU A 228 -14.92 16.08 10.35
C GLU A 228 -15.68 15.44 11.49
N SER A 229 -16.92 15.07 11.20
CA SER A 229 -17.83 14.55 12.23
C SER A 229 -18.91 13.69 11.61
N ARG A 230 -19.64 12.96 12.44
CA ARG A 230 -20.73 12.11 11.98
C ARG A 230 -21.81 12.93 11.26
N PRO A 231 -22.20 14.08 11.83
CA PRO A 231 -23.12 14.94 11.10
C PRO A 231 -22.51 15.39 9.76
N ALA A 232 -21.32 15.97 9.81
CA ALA A 232 -20.67 16.51 8.61
C ALA A 232 -20.57 15.47 7.50
N LEU A 233 -20.41 14.21 7.89
CA LEU A 233 -20.30 13.11 6.94
C LEU A 233 -21.67 12.71 6.39
N LYS A 234 -22.69 12.76 7.24
CA LYS A 234 -24.05 12.46 6.82
C LYS A 234 -24.52 13.49 5.81
N ALA A 235 -24.15 14.74 6.06
CA ALA A 235 -24.47 15.83 5.15
C ALA A 235 -23.83 15.57 3.80
N LEU A 236 -22.51 15.44 3.80
CA LEU A 236 -21.75 15.14 2.59
C LEU A 236 -22.34 13.98 1.79
N ARG A 237 -22.68 12.89 2.48
CA ARG A 237 -23.19 11.72 1.79
C ARG A 237 -24.57 11.97 1.21
N GLN A 238 -25.43 12.66 1.96
CA GLN A 238 -26.78 12.94 1.50
C GLN A 238 -26.76 13.78 0.24
N TRP A 239 -25.73 14.62 0.12
CA TRP A 239 -25.58 15.55 -1.00
C TRP A 239 -24.97 14.87 -2.23
N LEU A 240 -23.99 14.00 -2.01
CA LEU A 240 -23.27 13.33 -3.11
C LEU A 240 -23.75 11.91 -3.40
N ALA A 241 -24.39 11.28 -2.42
CA ALA A 241 -24.97 9.95 -2.60
C ALA A 241 -26.39 9.91 -2.05
N PRO A 242 -27.29 10.72 -2.63
CA PRO A 242 -28.64 10.94 -2.10
C PRO A 242 -29.37 9.63 -1.85
N ALA A 243 -29.35 8.74 -2.83
CA ALA A 243 -30.11 7.50 -2.75
C ALA A 243 -29.36 6.39 -2.00
N SER A 244 -28.19 6.70 -1.48
CA SER A 244 -27.37 5.68 -0.82
C SER A 244 -27.96 5.25 0.52
N ARG A 245 -28.05 3.94 0.73
CA ARG A 245 -28.56 3.39 1.97
C ARG A 245 -27.44 2.72 2.76
N ARG A 246 -26.62 3.52 3.43
CA ARG A 246 -25.51 2.99 4.22
C ARG A 246 -25.24 3.82 5.47
N SER A 247 -24.88 3.13 6.56
CA SER A 247 -24.73 3.78 7.85
C SER A 247 -23.66 4.86 7.84
N THR A 248 -24.09 6.11 8.03
CA THR A 248 -23.15 7.19 8.29
C THR A 248 -22.42 6.85 9.57
N ARG A 249 -23.01 5.93 10.33
CA ARG A 249 -22.50 5.55 11.64
C ARG A 249 -21.42 4.47 11.50
N ARG A 250 -21.75 3.37 10.81
CA ARG A 250 -20.79 2.30 10.58
C ARG A 250 -19.57 2.81 9.80
N LEU A 251 -19.80 3.77 8.90
CA LEU A 251 -18.74 4.30 8.07
C LEU A 251 -17.79 5.23 8.83
N TYR A 252 -18.35 6.04 9.72
CA TYR A 252 -17.50 6.93 10.52
C TYR A 252 -16.58 6.13 11.43
N ALA A 253 -17.16 5.19 12.17
CA ALA A 253 -16.37 4.36 13.06
C ALA A 253 -15.31 3.56 12.30
N GLN A 254 -15.65 3.11 11.09
CA GLN A 254 -14.69 2.37 10.26
C GLN A 254 -13.47 3.23 9.96
N ALA A 255 -13.70 4.49 9.59
CA ALA A 255 -12.60 5.41 9.30
C ALA A 255 -11.73 5.62 10.54
N GLN A 256 -12.36 5.70 11.70
CA GLN A 256 -11.63 5.84 12.96
C GLN A 256 -10.73 4.63 13.19
N LYS A 257 -11.25 3.44 12.90
CA LYS A 257 -10.51 2.19 13.06
C LYS A 257 -9.32 2.15 12.11
N LEU A 258 -9.52 2.55 10.87
CA LEU A 258 -8.45 2.59 9.87
C LEU A 258 -7.34 3.57 10.26
N ARG A 259 -7.74 4.75 10.70
CA ARG A 259 -6.77 5.78 11.08
C ARG A 259 -5.94 5.35 12.29
N LYS A 260 -6.59 4.72 13.25
CA LYS A 260 -5.93 4.27 14.46
C LYS A 260 -4.81 3.28 14.13
N HIS A 261 -5.18 2.20 13.42
CA HIS A 261 -4.31 1.05 13.27
C HIS A 261 -3.67 0.88 11.88
N SER A 262 -4.10 1.66 10.90
CA SER A 262 -3.64 1.42 9.53
C SER A 262 -2.91 2.59 8.88
N SER A 263 -2.80 3.71 9.60
CA SER A 263 -2.04 4.88 9.15
C SER A 263 -0.84 4.52 8.27
N HIS A 264 -0.07 3.54 8.71
CA HIS A 264 1.23 3.24 8.10
C HIS A 264 1.11 2.88 6.61
N LEU A 265 -0.09 2.47 6.20
CA LEU A 265 -0.32 2.03 4.83
C LEU A 265 -0.80 3.15 3.90
N PHE A 266 -1.02 4.34 4.45
CA PHE A 266 -1.53 5.46 3.65
C PHE A 266 -0.41 6.13 2.88
N THR A 267 -0.65 6.43 1.61
CA THR A 267 0.29 7.25 0.84
C THR A 267 -0.23 8.68 0.75
N ALA A 268 -1.49 8.88 1.15
CA ALA A 268 -2.05 10.23 1.27
C ALA A 268 -3.30 10.25 2.13
N THR A 269 -3.49 11.34 2.85
CA THR A 269 -4.74 11.58 3.56
C THR A 269 -5.31 12.90 3.06
N ILE A 270 -6.63 13.01 3.04
CA ILE A 270 -7.30 14.22 2.58
C ILE A 270 -8.47 14.52 3.48
N PRO A 271 -8.51 15.74 4.03
CA PRO A 271 -9.57 16.16 4.95
C PRO A 271 -10.88 16.41 4.22
N LEU A 272 -11.94 15.72 4.64
CA LEU A 272 -13.28 16.05 4.19
C LEU A 272 -13.74 17.24 5.02
N ASN A 273 -13.79 18.41 4.40
CA ASN A 273 -14.12 19.63 5.12
C ASN A 273 -15.25 20.41 4.48
N GLY A 274 -16.39 19.74 4.30
CA GLY A 274 -17.54 20.38 3.69
C GLY A 274 -18.19 19.57 2.58
N THR A 275 -18.90 20.25 1.69
CA THR A 275 -19.66 19.59 0.63
C THR A 275 -19.22 20.05 -0.76
N SER A 276 -18.08 20.75 -0.81
CA SER A 276 -17.56 21.24 -2.09
C SER A 276 -16.62 20.21 -2.73
N ASP A 277 -16.30 20.46 -4.00
CA ASP A 277 -15.50 19.52 -4.80
C ASP A 277 -14.02 19.50 -4.44
N THR A 278 -13.65 20.16 -3.34
CA THR A 278 -12.24 20.33 -3.02
C THR A 278 -11.51 18.99 -2.78
N TRP A 279 -12.04 18.14 -1.91
CA TRP A 279 -11.39 16.85 -1.63
C TRP A 279 -11.25 16.01 -2.89
N TYR A 280 -12.23 16.13 -3.78
CA TYR A 280 -12.22 15.40 -5.04
C TYR A 280 -11.14 15.96 -5.98
N GLN A 281 -10.97 17.28 -5.94
CA GLN A 281 -9.92 17.94 -6.73
C GLN A 281 -8.53 17.49 -6.27
N GLU A 282 -8.25 17.66 -4.98
CA GLU A 282 -7.01 17.18 -4.39
C GLU A 282 -6.79 15.70 -4.70
N LEU A 283 -7.86 14.92 -4.63
CA LEU A 283 -7.75 13.50 -4.96
C LEU A 283 -7.12 13.33 -6.34
N LYS A 284 -7.76 13.93 -7.35
CA LYS A 284 -7.34 13.75 -8.74
C LYS A 284 -5.89 14.17 -8.96
N ALA A 285 -5.49 15.25 -8.29
CA ALA A 285 -4.12 15.75 -8.39
C ALA A 285 -3.14 14.77 -7.75
N ILE A 286 -3.55 14.20 -6.62
CA ILE A 286 -2.70 13.26 -5.90
C ILE A 286 -2.47 11.96 -6.67
N ILE A 287 -3.47 11.49 -7.41
CA ILE A 287 -3.30 10.29 -8.20
C ILE A 287 -2.31 10.51 -9.36
N ARG A 288 -2.49 11.61 -10.09
CA ARG A 288 -1.61 11.92 -11.21
C ARG A 288 -0.19 12.23 -10.78
N GLU A 289 -0.03 12.71 -9.55
CA GLU A 289 1.30 13.04 -9.04
C GLU A 289 2.04 11.78 -8.64
N GLN A 290 1.47 11.06 -7.68
CA GLN A 290 2.11 9.87 -7.14
C GLN A 290 2.31 8.80 -8.20
N GLN A 291 1.63 8.94 -9.34
CA GLN A 291 1.82 8.03 -10.47
C GLN A 291 3.18 8.23 -11.12
N THR A 292 3.79 9.39 -10.90
CA THR A 292 5.09 9.68 -11.46
C THR A 292 6.22 9.37 -10.48
N ARG A 293 5.87 9.18 -9.20
CA ARG A 293 6.85 8.83 -8.17
C ARG A 293 7.43 7.45 -8.42
N PRO A 294 8.74 7.31 -8.22
CA PRO A 294 9.47 6.04 -8.41
C PRO A 294 9.14 5.02 -7.33
N ILE A 295 8.86 3.79 -7.75
CA ILE A 295 8.58 2.71 -6.81
C ILE A 295 9.69 1.67 -6.85
N TRP A 296 9.71 0.80 -5.83
CA TRP A 296 10.70 -0.27 -5.77
C TRP A 296 10.42 -1.27 -6.87
N THR A 297 11.48 -1.89 -7.38
CA THR A 297 11.37 -2.87 -8.45
C THR A 297 12.65 -3.72 -8.52
N ALA A 298 12.52 -4.98 -8.91
CA ALA A 298 13.67 -5.89 -8.92
C ALA A 298 14.83 -5.39 -9.79
N GLU A 299 16.02 -5.37 -9.20
CA GLU A 299 17.24 -4.96 -9.90
C GLU A 299 17.84 -6.14 -10.65
UNK UNX B . -0.77 0.37 -16.69
UNK UNX C . -3.93 17.27 -11.86
UNK UNX D . -15.46 0.67 -13.66
UNK UNX E . -13.45 -5.58 -12.53
UNK UNX F . -12.91 -2.06 -5.76
UNK UNX G . -8.29 -9.96 3.28
UNK UNX H . 25.59 -1.66 -5.56
UNK UNX I . 1.20 1.18 -1.01
UNK UNX J . -27.03 6.41 9.79
UNK UNX K . -19.81 22.91 3.64
#